data_3BQ2
#
_entry.id   3BQ2
#
_cell.length_a   120.338
_cell.length_b   120.338
_cell.length_c   68.325
_cell.angle_alpha   90.00
_cell.angle_beta   90.00
_cell.angle_gamma   90.00
#
_symmetry.space_group_name_H-M   'P 41 21 2'
#
loop_
_entity.id
_entity.type
_entity.pdbx_description
1 polymer "DNA (5'-D(*DGP*DAP*DAP*DGP*DCP*DCP*DGP*DGP*DCP*DGP*DG)-3')"
2 polymer "DNA (5'-D(*DTP*DTP*DCP*DCP*DGP*DCP*DCP*DCP*DGP*DGP*DCP*DTP*DTP*DCP*DC)-3')"
3 polymer 'DNA polymerase IV'
4 non-polymer 'CALCIUM ION'
5 water water
#
loop_
_entity_poly.entity_id
_entity_poly.type
_entity_poly.pdbx_seq_one_letter_code
_entity_poly.pdbx_strand_id
1 'polydeoxyribonucleotide' (DG)(DA)(DA)(DG)(DC)(DC)(DG)(DG)(DC)(DG)(DG) P
2 'polydeoxyribonucleotide' (DT)(DT)(DC)(DC)(DG)(DC)(DC)(DC)(DG)(DG)(DC)(DT)(DT)(DC)(DC) T
3 'polypeptide(L)'
;MIVIFVDFDYFFAQVEEVLNPQYKGKPLVVCVYSGRTKTSGAVATANYEARKLGVKAGMPIIKAMQIAPSAIYVPMRKPI
YEAFSNRIMNLLNKHADKIEVASIDEAYLDVTNKVEGNFENGIELARKIKQEILEKEKITVTVGVAPNKILAKIIADKSK
PNGLGVIRPTEVQDFLNELDIDEIPGIGSVLARRLNELGIQKLRDILSKNYNELEKITGKAKALYLLKLAQNKYSEPVEN
KSKIPHGRYLTLPYNTRDVKVILPYLKKAINEAYNKVNGIPMRITVIAIMEDLDILSKGKKFKHGISIDNAYKVAEDLLR
ELLVRDKRRNVRRIGVKLDNIIINKTNLSDFFDI
;
A
#
loop_
_chem_comp.id
_chem_comp.type
_chem_comp.name
_chem_comp.formula
CA non-polymer 'CALCIUM ION' 'Ca 2'
DA DNA linking 2'-DEOXYADENOSINE-5'-MONOPHOSPHATE 'C10 H14 N5 O6 P'
DC DNA linking 2'-DEOXYCYTIDINE-5'-MONOPHOSPHATE 'C9 H14 N3 O7 P'
DG DNA linking 2'-DEOXYGUANOSINE-5'-MONOPHOSPHATE 'C10 H14 N5 O7 P'
DT DNA linking THYMIDINE-5'-MONOPHOSPHATE 'C10 H15 N2 O8 P'
#
# COMPACT_ATOMS: atom_id res chain seq x y z
N MET C 1 16.40 -5.58 15.99
CA MET C 1 15.55 -5.61 14.77
C MET C 1 16.16 -4.73 13.70
N ILE C 2 16.33 -5.27 12.49
CA ILE C 2 16.73 -4.46 11.35
C ILE C 2 15.74 -4.62 10.20
N VAL C 3 15.07 -3.51 9.87
CA VAL C 3 14.12 -3.46 8.79
C VAL C 3 14.67 -2.60 7.67
N ILE C 4 14.76 -3.17 6.47
CA ILE C 4 14.97 -2.40 5.25
C ILE C 4 13.60 -2.22 4.61
N PHE C 5 13.22 -0.99 4.35
CA PHE C 5 11.97 -0.72 3.65
C PHE C 5 12.26 -0.27 2.23
N VAL C 6 11.57 -0.85 1.27
CA VAL C 6 11.82 -0.54 -0.12
C VAL C 6 10.61 0.19 -0.70
N ASP C 7 10.85 1.30 -1.38
CA ASP C 7 9.80 2.08 -2.02
C ASP C 7 10.17 2.33 -3.47
N PHE C 8 9.26 2.09 -4.40
CA PHE C 8 9.60 2.22 -5.82
C PHE C 8 9.32 3.63 -6.29
N ASP C 9 10.32 4.31 -6.81
CA ASP C 9 10.12 5.67 -7.26
C ASP C 9 9.18 5.73 -8.45
N TYR C 10 8.09 6.48 -8.30
CA TYR C 10 7.20 6.78 -9.42
C TYR C 10 7.09 5.55 -10.33
N PHE C 11 6.60 4.46 -9.75
CA PHE C 11 6.73 3.12 -10.33
C PHE C 11 6.13 3.10 -11.72
N PHE C 12 4.87 3.48 -11.81
CA PHE C 12 4.13 3.37 -13.05
C PHE C 12 4.85 4.10 -14.15
N ALA C 13 5.25 5.35 -13.86
CA ALA C 13 6.10 6.11 -14.76
C ALA C 13 7.30 5.29 -15.14
N GLN C 14 8.07 4.82 -14.16
CA GLN C 14 9.27 4.06 -14.49
C GLN C 14 9.00 2.83 -15.36
N VAL C 15 7.97 2.05 -15.02
CA VAL C 15 7.68 0.87 -15.80
C VAL C 15 7.48 1.23 -17.29
N GLU C 16 6.64 2.24 -17.54
CA GLU C 16 6.35 2.64 -18.91
C GLU C 16 7.63 3.01 -19.63
N GLU C 17 8.51 3.72 -18.95
CA GLU C 17 9.76 4.17 -19.54
C GLU C 17 10.66 2.99 -19.83
N VAL C 18 10.55 1.94 -19.02
CA VAL C 18 11.33 0.75 -19.25
C VAL C 18 10.78 0.01 -20.47
N LEU C 19 9.45 -0.08 -20.55
CA LEU C 19 8.80 -0.80 -21.65
C LEU C 19 8.99 -0.08 -22.98
N ASN C 20 8.81 1.24 -22.95
CA ASN C 20 8.97 2.05 -24.15
C ASN C 20 10.04 3.10 -23.94
N PRO C 21 11.30 2.75 -24.23
CA PRO C 21 12.43 3.60 -23.88
C PRO C 21 12.46 4.93 -24.59
N GLN C 22 11.71 5.06 -25.68
CA GLN C 22 11.68 6.33 -26.42
C GLN C 22 10.83 7.37 -25.71
N TYR C 23 10.16 6.97 -24.63
CA TYR C 23 9.47 7.90 -23.72
C TYR C 23 10.43 8.67 -22.82
N LYS C 24 11.63 8.12 -22.63
CA LYS C 24 12.61 8.72 -21.73
C LYS C 24 13.00 10.13 -22.19
N GLY C 25 13.51 10.92 -21.26
CA GLY C 25 13.93 12.30 -21.55
C GLY C 25 12.82 13.16 -22.13
N LYS C 26 11.57 12.81 -21.83
CA LYS C 26 10.38 13.45 -22.42
C LYS C 26 9.14 13.26 -21.53
N PRO C 27 8.32 14.31 -21.37
CA PRO C 27 7.23 14.24 -20.40
C PRO C 27 6.24 13.09 -20.61
N LEU C 28 6.13 12.21 -19.62
CA LEU C 28 5.20 11.07 -19.65
C LEU C 28 4.20 11.15 -18.50
N VAL C 29 2.95 10.77 -18.77
CA VAL C 29 1.89 10.93 -17.79
C VAL C 29 0.97 9.74 -17.85
N VAL C 30 0.94 8.99 -16.76
CA VAL C 30 0.12 7.80 -16.64
C VAL C 30 -1.21 8.24 -16.06
N CYS C 31 -2.31 7.81 -16.66
CA CYS C 31 -3.62 8.37 -16.34
C CYS C 31 -4.55 7.32 -15.78
N VAL C 32 -5.52 7.75 -14.98
CA VAL C 32 -6.47 6.86 -14.32
C VAL C 32 -7.87 7.44 -14.44
N TYR C 33 -8.83 6.59 -14.81
CA TYR C 33 -10.22 7.00 -15.00
C TYR C 33 -11.21 6.32 -14.03
N SER C 34 -12.33 6.99 -13.78
CA SER C 34 -13.37 6.51 -12.85
C SER C 34 -14.30 5.44 -13.46
N GLY C 35 -15.49 5.30 -12.86
CA GLY C 35 -16.47 4.30 -13.29
C GLY C 35 -17.33 4.76 -14.46
N THR C 39 -17.40 10.07 -17.26
CA THR C 39 -16.37 9.96 -16.24
C THR C 39 -15.21 10.97 -16.45
N SER C 40 -14.33 11.07 -15.47
CA SER C 40 -13.20 12.00 -15.54
C SER C 40 -11.88 11.31 -15.18
N GLY C 41 -10.79 11.82 -15.75
CA GLY C 41 -9.49 11.20 -15.61
C GLY C 41 -8.54 12.06 -14.83
N ALA C 42 -7.65 11.40 -14.08
CA ALA C 42 -6.61 12.08 -13.31
C ALA C 42 -5.27 11.39 -13.51
N VAL C 43 -4.22 12.01 -12.99
CA VAL C 43 -2.87 11.55 -13.13
C VAL C 43 -2.64 10.45 -12.11
N ALA C 44 -2.24 9.27 -12.59
CA ALA C 44 -1.70 8.27 -11.71
C ALA C 44 -0.37 8.82 -11.24
N THR C 45 0.63 8.79 -12.13
CA THR C 45 1.99 9.29 -11.88
C THR C 45 2.42 10.08 -13.10
N ALA C 46 3.68 10.51 -13.07
CA ALA C 46 4.27 11.33 -14.10
C ALA C 46 5.79 11.18 -14.02
N ASN C 47 6.49 11.31 -15.13
CA ASN C 47 7.92 11.07 -15.10
C ASN C 47 8.68 12.35 -14.74
N TYR C 48 10.01 12.30 -14.75
CA TYR C 48 10.81 13.44 -14.27
C TYR C 48 10.41 14.75 -14.93
N GLU C 49 10.39 14.75 -16.25
CA GLU C 49 10.11 15.97 -17.02
C GLU C 49 8.68 16.45 -16.88
N ALA C 50 7.73 15.53 -16.88
CA ALA C 50 6.35 15.89 -16.57
C ALA C 50 6.26 16.57 -15.18
N ARG C 51 6.85 15.92 -14.17
CA ARG C 51 6.91 16.46 -12.82
C ARG C 51 7.65 17.80 -12.78
N LYS C 52 8.70 17.92 -13.61
CA LYS C 52 9.47 19.16 -13.76
C LYS C 52 8.53 20.32 -14.06
N LEU C 53 7.73 20.19 -15.12
CA LEU C 53 6.68 21.14 -15.48
C LEU C 53 5.56 21.35 -14.43
N GLY C 54 5.56 20.52 -13.38
CA GLY C 54 4.60 20.68 -12.27
C GLY C 54 3.46 19.68 -12.13
N VAL C 55 3.42 18.65 -12.99
CA VAL C 55 2.37 17.63 -12.92
C VAL C 55 2.52 16.84 -11.62
N LYS C 56 1.43 16.20 -11.15
CA LYS C 56 1.42 15.39 -9.91
C LYS C 56 0.12 14.59 -9.71
N ALA C 57 0.20 13.47 -8.99
CA ALA C 57 -0.93 12.57 -8.77
C ALA C 57 -2.19 13.26 -8.29
N GLY C 58 -3.34 12.82 -8.80
CA GLY C 58 -4.63 13.43 -8.49
C GLY C 58 -5.00 14.58 -9.42
N MET C 59 -3.99 15.19 -10.04
CA MET C 59 -4.22 16.32 -10.94
C MET C 59 -5.11 15.90 -12.10
N PRO C 60 -6.18 16.66 -12.36
CA PRO C 60 -7.04 16.26 -13.45
C PRO C 60 -6.30 16.45 -14.77
N ILE C 61 -6.54 15.51 -15.70
CA ILE C 61 -5.82 15.47 -16.97
C ILE C 61 -5.94 16.78 -17.77
N ILE C 62 -7.09 17.44 -17.70
CA ILE C 62 -7.22 18.80 -18.24
C ILE C 62 -6.11 19.68 -17.65
N LYS C 63 -6.07 19.76 -16.32
CA LYS C 63 -5.08 20.60 -15.63
C LYS C 63 -3.67 20.24 -16.05
N ALA C 64 -3.36 18.95 -16.11
CA ALA C 64 -2.01 18.51 -16.47
C ALA C 64 -1.66 18.97 -17.88
N MET C 65 -2.61 18.92 -18.80
CA MET C 65 -2.44 19.44 -20.15
C MET C 65 -2.20 20.95 -20.22
N GLN C 66 -2.82 21.69 -19.31
CA GLN C 66 -2.62 23.13 -19.21
C GLN C 66 -1.14 23.48 -19.05
N ILE C 67 -0.40 22.62 -18.34
CA ILE C 67 1.00 22.91 -18.01
C ILE C 67 2.01 22.02 -18.76
N ALA C 68 1.51 20.99 -19.43
CA ALA C 68 2.35 20.09 -20.22
C ALA C 68 1.64 19.61 -21.49
N PRO C 69 1.55 20.49 -22.49
CA PRO C 69 0.97 20.09 -23.78
C PRO C 69 1.87 19.12 -24.57
N SER C 70 3.18 19.25 -24.38
CA SER C 70 4.16 18.35 -25.01
C SER C 70 4.22 16.98 -24.34
N ALA C 71 3.35 16.73 -23.37
CA ALA C 71 3.38 15.47 -22.64
C ALA C 71 2.74 14.30 -23.38
N ILE C 72 3.13 13.08 -23.02
CA ILE C 72 2.51 11.86 -23.55
C ILE C 72 1.59 11.26 -22.51
N TYR C 73 0.31 11.23 -22.80
CA TYR C 73 -0.66 10.74 -21.85
C TYR C 73 -1.10 9.35 -22.20
N VAL C 74 -0.72 8.41 -21.35
CA VAL C 74 -1.05 7.00 -21.54
C VAL C 74 -2.07 6.55 -20.52
N PRO C 75 -2.88 5.53 -20.86
CA PRO C 75 -3.73 4.95 -19.86
C PRO C 75 -2.88 3.98 -19.07
N MET C 76 -3.28 3.79 -17.83
CA MET C 76 -2.59 2.91 -16.89
C MET C 76 -2.92 1.45 -17.16
N ARG C 77 -1.90 0.61 -16.99
CA ARG C 77 -1.98 -0.84 -17.15
C ARG C 77 -1.57 -1.60 -15.89
N LYS C 78 -2.49 -1.64 -14.91
CA LYS C 78 -2.27 -2.34 -13.63
C LYS C 78 -1.61 -3.71 -13.78
N PRO C 79 -2.22 -4.62 -14.58
CA PRO C 79 -1.64 -5.96 -14.71
C PRO C 79 -0.14 -5.97 -15.00
N ILE C 80 0.33 -5.27 -16.04
CA ILE C 80 1.77 -5.28 -16.36
C ILE C 80 2.62 -4.68 -15.23
N TYR C 81 2.12 -3.62 -14.58
CA TYR C 81 2.84 -3.07 -13.44
C TYR C 81 2.83 -4.09 -12.31
N GLU C 82 1.75 -4.86 -12.20
CA GLU C 82 1.70 -5.94 -11.22
C GLU C 82 2.73 -7.04 -11.50
N ALA C 83 2.82 -7.46 -12.75
CA ALA C 83 3.85 -8.42 -13.17
C ALA C 83 5.25 -7.88 -12.84
N PHE C 84 5.40 -6.56 -12.97
CA PHE C 84 6.66 -5.90 -12.73
C PHE C 84 6.95 -5.86 -11.25
N SER C 85 5.91 -5.57 -10.48
CA SER C 85 6.03 -5.54 -9.05
C SER C 85 6.42 -6.93 -8.54
N ASN C 86 5.68 -7.96 -8.94
CA ASN C 86 5.92 -9.31 -8.42
C ASN C 86 7.31 -9.85 -8.67
N ARG C 87 7.87 -9.52 -9.83
CA ARG C 87 9.23 -9.92 -10.11
C ARG C 87 10.15 -9.33 -9.05
N ILE C 88 9.92 -8.06 -8.72
CA ILE C 88 10.77 -7.37 -7.76
C ILE C 88 10.58 -7.89 -6.34
N MET C 89 9.32 -8.09 -5.94
CA MET C 89 9.07 -8.60 -4.60
C MET C 89 9.81 -9.92 -4.36
N ASN C 90 9.84 -10.79 -5.38
CA ASN C 90 10.60 -12.04 -5.31
C ASN C 90 12.10 -11.86 -5.12
N LEU C 91 12.67 -10.85 -5.80
CA LEU C 91 14.08 -10.53 -5.59
C LEU C 91 14.31 -10.22 -4.12
N LEU C 92 13.50 -9.31 -3.60
CA LEU C 92 13.61 -8.90 -2.22
C LEU C 92 13.47 -10.10 -1.31
N ASN C 93 12.52 -10.97 -1.66
CA ASN C 93 12.16 -12.10 -0.83
C ASN C 93 13.40 -12.92 -0.48
N LYS C 94 14.18 -13.26 -1.50
CA LYS C 94 15.44 -13.99 -1.33
C LYS C 94 16.38 -13.29 -0.36
N HIS C 95 16.28 -11.96 -0.26
CA HIS C 95 17.16 -11.19 0.61
C HIS C 95 16.73 -11.10 2.08
N ALA C 96 15.50 -11.52 2.39
CA ALA C 96 14.92 -11.20 3.69
C ALA C 96 14.49 -12.42 4.47
N ASP C 97 14.60 -12.33 5.80
CA ASP C 97 14.05 -13.33 6.71
C ASP C 97 12.54 -13.38 6.54
N LYS C 98 11.90 -12.23 6.76
CA LYS C 98 10.49 -12.01 6.49
C LYS C 98 10.32 -10.83 5.54
N ILE C 99 9.42 -10.97 4.58
CA ILE C 99 9.01 -9.86 3.73
C ILE C 99 7.51 -9.52 3.95
N GLU C 100 7.20 -8.23 3.99
CA GLU C 100 5.82 -7.79 4.07
C GLU C 100 5.60 -6.87 2.89
N VAL C 101 4.71 -7.26 2.00
CA VAL C 101 4.45 -6.45 0.83
C VAL C 101 3.32 -5.51 1.19
N ALA C 102 3.69 -4.27 1.53
CA ALA C 102 2.76 -3.25 1.96
C ALA C 102 1.81 -2.88 0.85
N SER C 103 2.34 -2.76 -0.36
CA SER C 103 1.57 -2.35 -1.54
C SER C 103 2.33 -2.77 -2.80
N ILE C 104 1.75 -2.54 -3.97
CA ILE C 104 2.43 -2.79 -5.23
C ILE C 104 3.86 -2.18 -5.30
N ASP C 105 4.10 -1.07 -4.60
CA ASP C 105 5.41 -0.46 -4.68
C ASP C 105 6.16 -0.32 -3.35
N GLU C 106 5.70 -1.01 -2.31
CA GLU C 106 6.33 -0.90 -1.00
C GLU C 106 6.42 -2.24 -0.33
N ALA C 107 7.58 -2.54 0.24
CA ALA C 107 7.75 -3.74 1.07
C ALA C 107 8.63 -3.50 2.28
N TYR C 108 8.29 -4.16 3.38
CA TYR C 108 9.14 -4.19 4.55
C TYR C 108 9.90 -5.51 4.60
N LEU C 109 11.13 -5.46 5.08
CA LEU C 109 12.00 -6.61 5.12
C LEU C 109 12.64 -6.68 6.51
N ASP C 110 12.41 -7.80 7.19
CA ASP C 110 13.19 -8.06 8.39
C ASP C 110 14.40 -8.84 7.93
N VAL C 111 15.58 -8.28 8.19
CA VAL C 111 16.84 -8.92 7.82
C VAL C 111 17.74 -9.18 9.03
N THR C 112 17.25 -8.83 10.23
CA THR C 112 18.02 -9.00 11.46
C THR C 112 18.95 -10.20 11.40
N ASN C 113 18.39 -11.38 11.12
CA ASN C 113 19.19 -12.59 10.91
C ASN C 113 20.12 -12.55 9.71
N LYS C 114 19.58 -12.30 8.52
CA LYS C 114 20.37 -12.25 7.27
C LYS C 114 21.75 -11.61 7.41
N VAL C 115 21.82 -10.48 8.11
CA VAL C 115 23.12 -9.83 8.39
C VAL C 115 23.64 -10.13 9.81
N GLU C 116 23.02 -11.11 10.46
CA GLU C 116 23.36 -11.54 11.82
C GLU C 116 23.46 -10.38 12.82
N GLY C 117 22.50 -9.47 12.79
CA GLY C 117 22.40 -8.38 13.75
C GLY C 117 23.33 -7.19 13.53
N ASN C 118 24.20 -7.27 12.53
CA ASN C 118 25.13 -6.17 12.27
C ASN C 118 24.51 -5.05 11.44
N PHE C 119 24.27 -3.92 12.09
CA PHE C 119 23.58 -2.82 11.42
C PHE C 119 24.31 -2.27 10.20
N GLU C 120 25.63 -2.13 10.23
CA GLU C 120 26.33 -1.66 9.03
C GLU C 120 26.13 -2.62 7.85
N ASN C 121 26.28 -3.92 8.09
CA ASN C 121 25.97 -4.92 7.07
C ASN C 121 24.52 -4.83 6.62
N GLY C 122 23.68 -4.32 7.52
CA GLY C 122 22.30 -3.98 7.20
C GLY C 122 22.27 -2.93 6.10
N ILE C 123 23.02 -1.86 6.30
CA ILE C 123 23.07 -0.78 5.32
C ILE C 123 23.63 -1.28 3.99
N GLU C 124 24.71 -2.04 4.02
CA GLU C 124 25.27 -2.57 2.78
C GLU C 124 24.34 -3.51 2.04
N LEU C 125 23.65 -4.39 2.77
CA LEU C 125 22.61 -5.21 2.16
C LEU C 125 21.62 -4.29 1.46
N ALA C 126 21.16 -3.28 2.18
CA ALA C 126 20.32 -2.23 1.61
C ALA C 126 20.90 -1.57 0.37
N ARG C 127 22.20 -1.30 0.36
CA ARG C 127 22.87 -0.84 -0.87
C ARG C 127 22.77 -1.92 -1.93
N LYS C 128 23.11 -3.15 -1.55
CA LYS C 128 23.12 -4.25 -2.49
C LYS C 128 21.75 -4.41 -3.16
N ILE C 129 20.69 -4.11 -2.42
CA ILE C 129 19.34 -4.31 -2.95
C ILE C 129 19.05 -3.27 -4.00
N LYS C 130 19.27 -1.99 -3.67
CA LYS C 130 19.14 -0.89 -4.64
C LYS C 130 19.85 -1.18 -5.94
N GLN C 131 21.11 -1.57 -5.85
CA GLN C 131 21.94 -1.77 -7.04
C GLN C 131 21.38 -2.90 -7.88
N GLU C 132 20.87 -3.93 -7.21
CA GLU C 132 20.34 -5.11 -7.89
C GLU C 132 19.04 -4.84 -8.68
N ILE C 133 18.11 -4.13 -8.06
CA ILE C 133 16.86 -3.78 -8.73
C ILE C 133 17.12 -2.94 -9.98
N LEU C 134 18.07 -2.00 -9.87
CA LEU C 134 18.48 -1.16 -10.99
C LEU C 134 19.12 -2.02 -12.08
N GLU C 135 20.11 -2.81 -11.69
CA GLU C 135 20.81 -3.67 -12.61
C GLU C 135 19.86 -4.69 -13.25
N LYS C 136 18.98 -5.29 -12.46
CA LYS C 136 18.14 -6.36 -12.97
C LYS C 136 16.88 -5.88 -13.70
N GLU C 137 16.22 -4.86 -13.15
CA GLU C 137 14.96 -4.36 -13.73
C GLU C 137 15.00 -2.92 -14.30
N LYS C 138 16.16 -2.26 -14.21
CA LYS C 138 16.33 -0.87 -14.65
C LYS C 138 15.48 0.16 -13.86
N ILE C 139 15.15 -0.19 -12.61
CA ILE C 139 14.20 0.58 -11.78
C ILE C 139 14.89 1.14 -10.54
N THR C 140 14.64 2.39 -10.21
CA THR C 140 15.21 2.96 -9.01
C THR C 140 14.18 2.94 -7.90
N VAL C 141 14.63 2.51 -6.73
CA VAL C 141 13.80 2.43 -5.57
C VAL C 141 14.48 3.30 -4.55
N THR C 142 13.80 3.54 -3.44
CA THR C 142 14.34 4.25 -2.29
C THR C 142 14.27 3.31 -1.09
N VAL C 143 15.38 3.13 -0.40
CA VAL C 143 15.39 2.26 0.76
C VAL C 143 15.45 3.09 2.02
N GLY C 144 14.93 2.51 3.11
CA GLY C 144 15.12 3.05 4.45
C GLY C 144 15.64 1.89 5.27
N VAL C 145 16.66 2.15 6.10
CA VAL C 145 17.18 1.12 7.00
C VAL C 145 17.07 1.65 8.41
N ALA C 146 16.39 0.92 9.29
CA ALA C 146 16.09 1.41 10.64
C ALA C 146 15.70 0.27 11.55
N PRO C 147 15.64 0.51 12.87
CA PRO C 147 15.39 -0.63 13.72
C PRO C 147 13.91 -0.92 13.95
N ASN C 148 13.03 -0.41 13.09
CA ASN C 148 11.61 -0.80 13.02
C ASN C 148 10.96 -0.33 11.73
N LYS C 149 9.75 -0.85 11.48
CA LYS C 149 8.96 -0.50 10.30
C LYS C 149 8.75 0.99 10.20
N ILE C 150 8.08 1.56 11.20
CA ILE C 150 7.64 2.94 11.08
C ILE C 150 8.78 3.90 10.79
N LEU C 151 9.90 3.74 11.50
CA LEU C 151 11.08 4.56 11.27
C LEU C 151 11.65 4.38 9.86
N ALA C 152 11.67 3.13 9.39
CA ALA C 152 12.24 2.78 8.08
C ALA C 152 11.46 3.44 6.96
N LYS C 153 10.13 3.52 7.11
CA LYS C 153 9.32 4.20 6.11
C LYS C 153 9.64 5.68 6.14
N ILE C 154 9.75 6.22 7.35
CA ILE C 154 9.88 7.64 7.54
C ILE C 154 11.18 8.08 6.91
N ILE C 155 12.26 7.38 7.23
CA ILE C 155 13.55 7.77 6.70
C ILE C 155 13.63 7.53 5.20
N ALA C 156 12.85 6.58 4.70
CA ALA C 156 12.80 6.41 3.26
C ALA C 156 12.19 7.67 2.63
N ASP C 157 10.99 8.05 3.09
CA ASP C 157 10.29 9.24 2.58
C ASP C 157 11.07 10.52 2.76
N LYS C 158 11.94 10.53 3.77
CA LYS C 158 12.91 11.59 3.95
C LYS C 158 14.04 11.54 2.91
N SER C 159 14.18 10.44 2.17
CA SER C 159 15.36 10.25 1.31
C SER C 159 15.10 10.24 -0.21
N LYS C 160 13.83 10.34 -0.59
CA LYS C 160 13.41 10.33 -1.98
C LYS C 160 13.96 11.58 -2.69
N PRO C 161 14.28 11.48 -4.00
CA PRO C 161 14.11 10.32 -4.88
C PRO C 161 15.37 9.47 -4.90
N ASN C 162 15.21 8.15 -5.09
CA ASN C 162 16.35 7.25 -5.24
C ASN C 162 17.27 7.31 -4.03
N GLY C 163 16.66 7.29 -2.86
CA GLY C 163 17.42 7.47 -1.64
C GLY C 163 17.83 6.20 -0.91
N LEU C 164 18.69 6.41 0.08
CA LEU C 164 19.12 5.42 1.04
C LEU C 164 19.17 6.15 2.36
N GLY C 165 18.05 6.17 3.07
CA GLY C 165 17.97 6.73 4.42
C GLY C 165 18.43 5.76 5.49
N VAL C 166 18.78 6.28 6.66
CA VAL C 166 19.42 5.47 7.70
C VAL C 166 19.13 6.00 9.12
N ILE C 167 18.61 5.15 9.97
CA ILE C 167 18.55 5.47 11.40
C ILE C 167 19.24 4.34 12.13
N ARG C 168 20.28 4.65 12.88
CA ARG C 168 21.05 3.62 13.56
C ARG C 168 20.55 3.44 15.00
N PRO C 169 20.46 2.18 15.47
CA PRO C 169 20.00 1.95 16.85
C PRO C 169 20.81 2.80 17.82
N THR C 170 22.07 3.01 17.47
CA THR C 170 23.04 3.71 18.30
C THR C 170 22.85 5.23 18.29
N GLU C 171 22.03 5.73 17.38
CA GLU C 171 21.87 7.16 17.12
C GLU C 171 20.41 7.57 17.13
N VAL C 172 19.54 6.58 17.32
CA VAL C 172 18.09 6.69 17.13
C VAL C 172 17.43 7.86 17.86
N GLN C 173 17.96 8.23 19.02
CA GLN C 173 17.33 9.23 19.86
C GLN C 173 17.48 10.65 19.34
N ASP C 174 18.52 10.92 18.56
CA ASP C 174 18.70 12.23 17.95
C ASP C 174 17.67 12.43 16.86
N PHE C 175 17.31 11.34 16.19
CA PHE C 175 16.31 11.39 15.13
C PHE C 175 14.90 11.58 15.73
N LEU C 176 14.65 10.90 16.86
CA LEU C 176 13.41 11.08 17.60
C LEU C 176 13.32 12.48 18.19
N ASN C 177 14.46 13.14 18.32
CA ASN C 177 14.51 14.47 18.89
C ASN C 177 14.19 15.57 17.87
N GLU C 178 14.43 15.30 16.58
CA GLU C 178 14.25 16.35 15.55
C GLU C 178 13.12 16.07 14.57
N LEU C 179 12.36 15.02 14.84
CA LEU C 179 11.23 14.65 13.99
C LEU C 179 10.03 15.59 14.13
N ASP C 180 9.64 16.21 13.02
CA ASP C 180 8.41 16.97 12.93
C ASP C 180 7.24 16.04 13.15
N ILE C 181 6.28 16.49 13.96
CA ILE C 181 5.10 15.69 14.28
C ILE C 181 4.32 15.36 13.02
N ASP C 182 4.32 16.31 12.08
CA ASP C 182 3.63 16.15 10.80
C ASP C 182 4.28 15.12 9.87
N GLU C 183 5.58 14.87 10.04
CA GLU C 183 6.28 13.87 9.23
C GLU C 183 5.90 12.42 9.57
N ILE C 184 5.02 12.25 10.56
CA ILE C 184 4.61 10.93 11.05
C ILE C 184 3.40 10.36 10.29
N PRO C 185 3.49 9.09 9.84
CA PRO C 185 2.37 8.37 9.22
C PRO C 185 1.21 8.23 10.17
N GLY C 186 0.03 8.61 9.70
CA GLY C 186 -1.15 8.72 10.55
C GLY C 186 -1.46 10.16 10.87
N ILE C 187 -0.43 11.01 10.84
CA ILE C 187 -0.62 12.45 11.06
C ILE C 187 -0.60 13.22 9.74
N GLY C 188 -1.79 13.62 9.30
CA GLY C 188 -1.98 14.35 8.05
C GLY C 188 -2.25 15.84 8.27
N SER C 189 -2.73 16.49 7.20
CA SER C 189 -2.89 17.94 7.15
C SER C 189 -3.63 18.53 8.35
N VAL C 190 -4.71 17.84 8.74
CA VAL C 190 -5.60 18.29 9.81
C VAL C 190 -4.96 18.09 11.18
N LEU C 191 -4.46 16.88 11.44
CA LEU C 191 -3.95 16.50 12.76
C LEU C 191 -2.76 17.30 13.23
N ALA C 192 -1.84 17.59 12.31
CA ALA C 192 -0.69 18.43 12.60
C ALA C 192 -1.15 19.82 12.98
N ARG C 193 -2.02 20.39 12.15
CA ARG C 193 -2.63 21.71 12.38
C ARG C 193 -3.18 21.83 13.81
N ARG C 194 -3.83 20.78 14.30
CA ARG C 194 -4.42 20.75 15.64
C ARG C 194 -3.40 20.45 16.74
N LEU C 195 -2.43 19.58 16.44
CA LEU C 195 -1.42 19.18 17.40
C LEU C 195 -0.38 20.25 17.69
N ASN C 196 -0.23 21.18 16.75
CA ASN C 196 0.61 22.36 16.95
C ASN C 196 0.07 23.26 18.06
N GLU C 197 -1.25 23.26 18.23
CA GLU C 197 -1.96 24.16 19.16
C GLU C 197 -1.51 24.07 20.62
N LEU C 198 -1.05 22.90 21.06
CA LEU C 198 -0.56 22.75 22.44
C LEU C 198 0.90 23.21 22.52
N GLY C 199 1.58 23.17 21.38
CA GLY C 199 3.01 23.44 21.31
C GLY C 199 3.74 22.16 20.96
N ILE C 200 3.30 21.50 19.90
CA ILE C 200 3.83 20.21 19.49
C ILE C 200 4.08 20.17 17.97
N GLN C 201 5.35 20.26 17.59
CA GLN C 201 5.77 20.06 16.20
C GLN C 201 6.94 19.11 16.18
N LYS C 202 7.61 18.96 17.31
CA LYS C 202 8.58 17.90 17.51
C LYS C 202 7.90 16.72 18.19
N LEU C 203 8.43 15.52 17.96
CA LEU C 203 7.87 14.32 18.58
C LEU C 203 7.98 14.36 20.10
N ARG C 204 9.16 14.75 20.59
CA ARG C 204 9.44 14.85 22.02
C ARG C 204 8.37 15.62 22.78
N ASP C 205 7.94 16.74 22.21
CA ASP C 205 7.00 17.68 22.83
C ASP C 205 5.89 17.02 23.66
N ILE C 206 5.35 15.91 23.16
CA ILE C 206 4.24 15.20 23.81
C ILE C 206 4.56 14.78 25.25
N LEU C 207 5.81 14.37 25.49
CA LEU C 207 6.23 13.82 26.78
C LEU C 207 6.10 14.81 27.94
N SER C 208 6.19 16.11 27.64
CA SER C 208 5.99 17.17 28.63
C SER C 208 4.51 17.47 28.82
N LYS C 209 3.74 17.29 27.74
CA LYS C 209 2.31 17.51 27.76
C LYS C 209 1.59 16.27 28.31
N ASN C 210 0.57 16.51 29.14
CA ASN C 210 -0.19 15.43 29.74
C ASN C 210 -0.76 14.43 28.72
N TYR C 211 -1.16 13.26 29.21
CA TYR C 211 -1.52 12.16 28.33
C TYR C 211 -2.91 12.24 27.68
N ASN C 212 -3.95 12.42 28.49
CA ASN C 212 -5.35 12.29 28.03
C ASN C 212 -5.78 13.22 26.88
N GLU C 213 -5.61 14.52 27.06
CA GLU C 213 -6.05 15.53 26.09
C GLU C 213 -5.63 15.16 24.66
N LEU C 214 -4.49 14.50 24.55
CA LEU C 214 -3.91 14.06 23.28
C LEU C 214 -4.80 13.05 22.56
N GLU C 215 -5.37 12.12 23.32
CA GLU C 215 -6.33 11.15 22.80
C GLU C 215 -7.56 11.89 22.26
N LYS C 216 -8.01 12.90 23.01
CA LYS C 216 -9.13 13.76 22.61
C LYS C 216 -8.85 14.48 21.30
N ILE C 217 -7.63 14.36 20.80
CA ILE C 217 -7.23 14.93 19.51
C ILE C 217 -6.80 13.82 18.53
N THR C 218 -6.56 12.61 19.05
CA THR C 218 -6.04 11.51 18.24
C THR C 218 -6.91 10.25 18.22
N GLY C 219 -7.27 9.77 19.43
CA GLY C 219 -7.88 8.47 19.59
C GLY C 219 -6.82 7.50 20.08
N LYS C 220 -7.10 6.81 21.19
CA LYS C 220 -6.15 5.90 21.83
C LYS C 220 -5.21 5.23 20.83
N ALA C 221 -5.77 4.37 19.98
CA ALA C 221 -5.00 3.52 19.07
C ALA C 221 -3.88 4.24 18.33
N LYS C 222 -4.05 5.55 18.14
CA LYS C 222 -3.00 6.39 17.55
C LYS C 222 -2.26 7.20 18.63
N ALA C 223 -3.02 7.82 19.53
CA ALA C 223 -2.45 8.57 20.65
C ALA C 223 -1.39 7.75 21.38
N LEU C 224 -1.70 6.48 21.61
CA LEU C 224 -0.80 5.54 22.27
C LEU C 224 0.36 5.12 21.35
N TYR C 225 0.08 5.03 20.06
CA TYR C 225 1.06 4.65 19.05
C TYR C 225 2.12 5.75 18.84
N LEU C 226 1.72 7.00 19.08
CA LEU C 226 2.64 8.12 19.16
C LEU C 226 3.53 8.00 20.40
N LEU C 227 2.91 7.70 21.53
CA LEU C 227 3.62 7.61 22.81
C LEU C 227 4.74 6.58 22.75
N LYS C 228 4.49 5.46 22.06
CA LYS C 228 5.48 4.40 21.99
C LYS C 228 6.65 4.80 21.12
N LEU C 229 6.35 5.45 20.00
CA LEU C 229 7.36 5.97 19.11
C LEU C 229 8.29 6.93 19.82
N ALA C 230 7.72 7.89 20.55
CA ALA C 230 8.51 8.87 21.26
C ALA C 230 9.49 8.19 22.21
N GLN C 231 9.01 7.15 22.89
CA GLN C 231 9.76 6.43 23.91
C GLN C 231 10.67 5.38 23.30
N ASN C 232 10.50 5.13 22.00
CA ASN C 232 11.29 4.11 21.31
C ASN C 232 10.87 2.71 21.73
N LYS C 233 9.57 2.57 22.00
CA LYS C 233 9.01 1.29 22.43
C LYS C 233 8.15 0.59 21.37
N TYR C 234 7.84 1.31 20.29
CA TYR C 234 7.22 0.68 19.12
C TYR C 234 8.18 -0.38 18.58
N SER C 235 7.73 -1.62 18.58
CA SER C 235 8.44 -2.67 17.85
C SER C 235 7.58 -3.14 16.68
N GLU C 236 6.52 -3.93 16.95
CA GLU C 236 5.56 -4.40 15.94
C GLU C 236 6.25 -5.08 14.75
N PRO C 237 6.35 -6.42 14.79
CA PRO C 237 7.21 -7.19 13.89
C PRO C 237 6.86 -7.06 12.42
N VAL C 238 7.79 -7.46 11.57
CA VAL C 238 7.54 -7.59 10.14
C VAL C 238 6.96 -8.98 9.91
N GLU C 239 5.74 -9.02 9.37
CA GLU C 239 5.03 -10.29 9.19
C GLU C 239 5.07 -10.77 7.77
N ASN C 240 5.10 -12.09 7.60
CA ASN C 240 5.01 -12.65 6.27
C ASN C 240 3.57 -12.65 5.78
N LYS C 241 3.20 -11.51 5.20
CA LYS C 241 1.89 -11.30 4.59
C LYS C 241 2.00 -10.27 3.49
N SER C 242 1.16 -10.41 2.46
CA SER C 242 0.96 -9.38 1.46
C SER C 242 -0.27 -8.57 1.81
N LYS C 243 -0.18 -7.26 1.69
CA LYS C 243 -1.35 -6.41 1.93
C LYS C 243 -2.11 -6.00 0.67
N ILE C 244 -1.70 -6.49 -0.49
CA ILE C 244 -2.36 -6.13 -1.75
C ILE C 244 -3.72 -6.84 -1.84
N PRO C 245 -4.80 -6.09 -2.12
CA PRO C 245 -6.11 -6.72 -2.21
C PRO C 245 -6.33 -7.23 -3.61
N HIS C 246 -6.69 -8.49 -3.73
CA HIS C 246 -7.10 -9.04 -5.02
C HIS C 246 -8.59 -9.29 -5.06
N GLY C 247 -9.23 -8.74 -6.09
CA GLY C 247 -10.69 -8.80 -6.18
C GLY C 247 -11.28 -8.74 -7.58
N ARG C 248 -12.13 -9.72 -7.89
CA ARG C 248 -12.80 -9.75 -9.18
C ARG C 248 -14.32 -9.62 -9.09
N TYR C 249 -14.87 -8.85 -10.02
CA TYR C 249 -16.29 -8.64 -10.15
C TYR C 249 -16.80 -9.26 -11.44
N LEU C 250 -18.11 -9.37 -11.55
CA LEU C 250 -18.76 -9.80 -12.77
C LEU C 250 -20.16 -9.19 -12.77
N THR C 251 -20.47 -8.45 -13.84
CA THR C 251 -21.81 -7.91 -14.02
C THR C 251 -22.72 -9.04 -14.49
N LEU C 252 -23.94 -9.02 -14.01
CA LEU C 252 -24.92 -10.07 -14.25
C LEU C 252 -25.74 -9.77 -15.51
N PRO C 253 -26.37 -10.81 -16.10
CA PRO C 253 -27.27 -10.61 -17.24
C PRO C 253 -28.45 -9.68 -16.92
N TYR C 254 -28.97 -9.79 -15.69
CA TYR C 254 -30.07 -8.97 -15.21
C TYR C 254 -29.97 -8.81 -13.69
N ASN C 255 -30.54 -7.72 -13.16
CA ASN C 255 -30.61 -7.52 -11.72
C ASN C 255 -31.46 -8.62 -11.07
N THR C 256 -30.95 -9.24 -10.02
CA THR C 256 -31.66 -10.38 -9.43
C THR C 256 -31.47 -10.51 -7.91
N ARG C 257 -32.11 -11.54 -7.35
CA ARG C 257 -31.99 -11.91 -5.95
C ARG C 257 -31.98 -13.43 -5.81
N ASP C 258 -32.17 -14.12 -6.94
CA ASP C 258 -32.18 -15.58 -6.97
C ASP C 258 -30.76 -16.11 -6.81
N VAL C 259 -30.49 -16.69 -5.63
CA VAL C 259 -29.15 -17.16 -5.27
C VAL C 259 -28.65 -18.18 -6.28
N LYS C 260 -29.57 -18.95 -6.85
CA LYS C 260 -29.27 -19.91 -7.91
C LYS C 260 -28.75 -19.22 -9.16
N VAL C 261 -29.05 -17.94 -9.31
CA VAL C 261 -28.52 -17.16 -10.43
C VAL C 261 -27.13 -16.60 -10.10
N ILE C 262 -26.99 -16.02 -8.90
CA ILE C 262 -25.78 -15.29 -8.56
C ILE C 262 -24.59 -16.17 -8.12
N LEU C 263 -24.88 -17.34 -7.53
CA LEU C 263 -23.80 -18.27 -7.22
C LEU C 263 -22.93 -18.57 -8.46
N PRO C 264 -23.53 -19.03 -9.59
CA PRO C 264 -22.78 -19.21 -10.85
C PRO C 264 -22.03 -17.98 -11.35
N TYR C 265 -22.20 -16.85 -10.68
CA TYR C 265 -21.36 -15.69 -10.97
C TYR C 265 -20.39 -15.38 -9.83
N LEU C 266 -20.75 -15.78 -8.61
CA LEU C 266 -19.85 -15.69 -7.47
C LEU C 266 -18.64 -16.62 -7.69
N LYS C 267 -18.92 -17.90 -7.92
CA LYS C 267 -17.89 -18.90 -8.18
C LYS C 267 -16.82 -18.33 -9.10
N LYS C 268 -17.22 -17.88 -10.29
CA LYS C 268 -16.28 -17.35 -11.31
C LYS C 268 -15.46 -16.13 -10.85
N ALA C 269 -16.09 -15.28 -10.02
CA ALA C 269 -15.44 -14.10 -9.45
C ALA C 269 -14.33 -14.45 -8.45
N ILE C 270 -14.53 -15.55 -7.73
CA ILE C 270 -13.52 -16.12 -6.83
C ILE C 270 -12.38 -16.78 -7.59
N ASN C 271 -12.69 -17.51 -8.67
CA ASN C 271 -11.65 -18.18 -9.45
C ASN C 271 -10.62 -17.25 -10.04
N GLU C 272 -11.06 -16.08 -10.48
CA GLU C 272 -10.14 -15.09 -11.01
C GLU C 272 -9.44 -14.32 -9.87
N ALA C 273 -9.63 -14.80 -8.65
CA ALA C 273 -9.10 -14.15 -7.43
C ALA C 273 -8.38 -15.11 -6.47
N TYR C 274 -9.07 -16.16 -6.01
CA TYR C 274 -8.46 -17.22 -5.19
C TYR C 274 -7.36 -17.96 -5.91
N ASN C 275 -7.19 -17.63 -7.19
CA ASN C 275 -6.07 -18.10 -7.97
C ASN C 275 -4.98 -17.06 -8.05
N LYS C 276 -5.38 -15.79 -8.05
CA LYS C 276 -4.44 -14.68 -8.06
C LYS C 276 -3.97 -14.42 -6.61
N VAL C 277 -3.80 -15.49 -5.84
CA VAL C 277 -3.62 -15.37 -4.40
C VAL C 277 -2.17 -15.29 -3.94
N ASN C 278 -1.36 -16.30 -4.27
CA ASN C 278 0.04 -16.39 -3.83
C ASN C 278 0.12 -16.32 -2.30
N GLY C 279 -0.49 -17.31 -1.65
CA GLY C 279 -0.71 -17.27 -0.22
C GLY C 279 -2.15 -17.55 0.22
N ILE C 280 -2.52 -17.05 1.40
CA ILE C 280 -3.76 -17.50 2.07
C ILE C 280 -4.46 -16.39 2.86
N PRO C 281 -5.57 -15.87 2.30
CA PRO C 281 -6.19 -14.65 2.78
C PRO C 281 -6.82 -14.75 4.15
N MET C 282 -6.47 -13.83 5.04
CA MET C 282 -7.11 -13.74 6.35
C MET C 282 -8.43 -12.99 6.25
N ARG C 283 -8.75 -12.53 5.03
CA ARG C 283 -9.98 -11.77 4.81
C ARG C 283 -10.61 -12.00 3.44
N ILE C 284 -11.93 -12.12 3.44
CA ILE C 284 -12.72 -12.20 2.24
C ILE C 284 -13.85 -11.20 2.39
N THR C 285 -14.17 -10.50 1.32
CA THR C 285 -15.31 -9.63 1.34
C THR C 285 -16.16 -9.89 0.10
N VAL C 286 -17.41 -10.30 0.36
CA VAL C 286 -18.41 -10.42 -0.67
C VAL C 286 -18.97 -9.02 -0.92
N ILE C 287 -18.87 -8.57 -2.16
CA ILE C 287 -19.24 -7.21 -2.55
C ILE C 287 -20.28 -7.27 -3.64
N ALA C 288 -21.34 -6.48 -3.49
CA ALA C 288 -22.45 -6.49 -4.42
C ALA C 288 -22.90 -5.07 -4.73
N ILE C 289 -22.92 -4.72 -6.02
CA ILE C 289 -23.51 -3.47 -6.51
C ILE C 289 -24.97 -3.70 -6.91
N MET C 290 -25.86 -2.81 -6.47
CA MET C 290 -27.30 -2.90 -6.79
C MET C 290 -27.68 -2.19 -8.09
N GLU C 291 -28.99 -2.11 -8.35
CA GLU C 291 -29.51 -1.40 -9.53
C GLU C 291 -29.09 0.07 -9.51
N ASP C 292 -28.93 0.58 -8.30
CA ASP C 292 -28.73 1.98 -8.00
C ASP C 292 -27.28 2.31 -7.62
N LEU C 293 -26.33 1.54 -8.13
CA LEU C 293 -24.90 1.79 -7.94
C LEU C 293 -24.40 1.66 -6.49
N ASP C 294 -25.34 1.59 -5.53
CA ASP C 294 -25.03 1.42 -4.10
C ASP C 294 -24.38 0.07 -3.80
N ILE C 295 -23.55 0.03 -2.75
CA ILE C 295 -22.64 -1.11 -2.51
C ILE C 295 -22.82 -1.77 -1.13
N LEU C 296 -23.08 -3.08 -1.13
CA LEU C 296 -23.39 -3.85 0.09
C LEU C 296 -22.37 -4.97 0.32
N SER C 297 -21.33 -4.66 1.11
CA SER C 297 -20.20 -5.56 1.31
C SER C 297 -20.05 -6.09 2.75
N LYS C 298 -19.99 -7.42 2.87
CA LYS C 298 -19.76 -8.12 4.14
C LYS C 298 -18.57 -9.06 4.04
N GLY C 299 -17.84 -9.22 5.14
CA GLY C 299 -16.67 -10.10 5.16
C GLY C 299 -16.26 -10.60 6.52
N LYS C 300 -15.84 -11.87 6.59
CA LYS C 300 -15.41 -12.49 7.84
C LYS C 300 -13.90 -12.71 7.92
N LYS C 301 -13.33 -12.38 9.09
CA LYS C 301 -11.91 -12.55 9.37
C LYS C 301 -11.66 -13.97 9.87
N PHE C 302 -10.53 -14.54 9.47
CA PHE C 302 -10.10 -15.87 9.93
C PHE C 302 -8.82 -15.84 10.77
N LYS C 303 -8.73 -16.73 11.77
CA LYS C 303 -7.58 -16.82 12.68
C LYS C 303 -6.32 -17.10 11.87
N HIS C 304 -6.34 -18.21 11.13
CA HIS C 304 -5.42 -18.41 10.01
C HIS C 304 -6.05 -17.78 8.77
N GLY C 305 -5.76 -18.33 7.61
CA GLY C 305 -6.40 -17.86 6.39
C GLY C 305 -7.66 -18.64 6.10
N ILE C 306 -8.04 -18.64 4.83
CA ILE C 306 -9.11 -19.48 4.32
C ILE C 306 -8.68 -19.98 2.94
N SER C 307 -8.86 -21.27 2.70
CA SER C 307 -8.62 -21.85 1.39
C SER C 307 -9.93 -21.79 0.60
N ILE C 308 -9.87 -22.11 -0.71
CA ILE C 308 -11.10 -22.30 -1.48
C ILE C 308 -11.85 -23.53 -0.95
N ASP C 309 -11.13 -24.36 -0.18
CA ASP C 309 -11.66 -25.52 0.55
C ASP C 309 -12.87 -25.15 1.40
N ASN C 310 -12.81 -24.00 2.06
CA ASN C 310 -13.94 -23.45 2.81
C ASN C 310 -14.66 -22.36 1.99
N ALA C 311 -13.93 -21.75 1.05
CA ALA C 311 -14.34 -20.50 0.38
C ALA C 311 -15.77 -20.42 -0.14
N TYR C 312 -16.11 -21.32 -1.07
CA TYR C 312 -17.37 -21.25 -1.80
C TYR C 312 -18.62 -21.13 -0.93
N LYS C 313 -18.56 -21.64 0.30
CA LYS C 313 -19.68 -21.52 1.23
C LYS C 313 -19.54 -20.33 2.20
N VAL C 314 -18.29 -19.91 2.44
CA VAL C 314 -18.04 -18.69 3.20
C VAL C 314 -18.64 -17.54 2.38
N ALA C 315 -18.37 -17.56 1.08
CA ALA C 315 -18.91 -16.56 0.15
C ALA C 315 -20.43 -16.65 -0.01
N GLU C 316 -20.94 -17.89 -0.05
CA GLU C 316 -22.38 -18.15 -0.23
C GLU C 316 -23.21 -17.64 0.95
N ASP C 317 -22.77 -17.92 2.17
CA ASP C 317 -23.47 -17.42 3.35
C ASP C 317 -23.26 -15.92 3.51
N LEU C 318 -22.08 -15.45 3.11
CA LEU C 318 -21.78 -14.01 3.12
C LEU C 318 -22.66 -13.21 2.17
N LEU C 319 -23.04 -13.83 1.05
CA LEU C 319 -24.03 -13.23 0.16
C LEU C 319 -25.39 -13.25 0.84
N ARG C 320 -25.76 -14.42 1.36
CA ARG C 320 -27.08 -14.65 1.95
C ARG C 320 -27.35 -13.81 3.20
N GLU C 321 -26.28 -13.47 3.92
CA GLU C 321 -26.39 -12.54 5.05
C GLU C 321 -26.67 -11.12 4.55
N LEU C 322 -26.23 -10.82 3.33
CA LEU C 322 -26.50 -9.54 2.68
C LEU C 322 -27.87 -9.59 2.03
N LEU C 323 -28.43 -10.80 1.95
CA LEU C 323 -29.77 -11.01 1.42
C LEU C 323 -30.88 -10.95 2.49
N VAL C 324 -30.46 -10.81 3.76
CA VAL C 324 -31.38 -10.53 4.87
C VAL C 324 -31.17 -9.06 5.28
N ARG C 325 -29.94 -8.57 5.11
CA ARG C 325 -29.58 -7.18 5.42
C ARG C 325 -30.26 -6.20 4.47
N ASP C 326 -30.38 -6.60 3.21
CA ASP C 326 -31.18 -5.91 2.23
C ASP C 326 -32.21 -6.91 1.73
N LYS C 327 -33.48 -6.52 1.73
CA LYS C 327 -34.54 -7.45 1.33
C LYS C 327 -35.41 -6.97 0.17
N ARG C 328 -35.37 -5.66 -0.11
CA ARG C 328 -36.19 -5.07 -1.18
C ARG C 328 -35.47 -5.13 -2.53
N ARG C 329 -34.17 -4.82 -2.51
CA ARG C 329 -33.42 -4.48 -3.73
C ARG C 329 -32.74 -5.66 -4.45
N ASN C 330 -32.48 -5.48 -5.73
CA ASN C 330 -31.83 -6.50 -6.58
C ASN C 330 -30.35 -6.22 -6.76
N VAL C 331 -29.63 -7.24 -7.23
CA VAL C 331 -28.19 -7.14 -7.42
C VAL C 331 -27.84 -6.96 -8.89
N ARG C 332 -27.17 -5.86 -9.20
CA ARG C 332 -26.64 -5.59 -10.52
C ARG C 332 -25.34 -6.35 -10.81
N ARG C 333 -24.43 -6.36 -9.83
CA ARG C 333 -23.05 -6.80 -10.04
C ARG C 333 -22.52 -7.47 -8.77
N ILE C 334 -21.74 -8.55 -8.90
CA ILE C 334 -21.23 -9.29 -7.72
C ILE C 334 -19.70 -9.40 -7.68
N GLY C 335 -19.11 -8.99 -6.57
CA GLY C 335 -17.64 -9.01 -6.44
C GLY C 335 -17.11 -9.78 -5.24
N VAL C 336 -15.82 -10.12 -5.31
CA VAL C 336 -15.12 -10.69 -4.18
C VAL C 336 -13.79 -9.99 -3.96
N LYS C 337 -13.39 -9.82 -2.71
CA LYS C 337 -12.12 -9.22 -2.36
C LYS C 337 -11.38 -10.12 -1.37
N LEU C 338 -10.20 -10.57 -1.75
CA LEU C 338 -9.34 -11.33 -0.84
C LEU C 338 -8.11 -10.50 -0.46
N ASP C 339 -8.00 -10.15 0.82
CA ASP C 339 -6.80 -9.51 1.34
C ASP C 339 -6.35 -10.11 2.67
N ASN C 340 -5.31 -9.52 3.28
CA ASN C 340 -4.70 -10.08 4.49
C ASN C 340 -3.99 -11.40 4.18
N ILE C 341 -3.35 -11.49 3.02
CA ILE C 341 -2.78 -12.74 2.56
C ILE C 341 -1.55 -13.11 3.38
N ILE C 342 -1.54 -14.31 3.96
CA ILE C 342 -0.32 -14.83 4.59
C ILE C 342 0.60 -15.46 3.52
N ILE C 343 1.91 -15.21 3.62
CA ILE C 343 2.88 -15.77 2.66
C ILE C 343 3.66 -16.98 3.23
N ASN C 344 4.26 -17.78 2.35
CA ASN C 344 5.06 -18.95 2.73
C ASN C 344 6.53 -18.75 2.37
CA CA D . 4.24 5.24 -3.63
#